data_1VIA
#
_entry.id   1VIA
#
_cell.length_a   41.931
_cell.length_b   43.230
_cell.length_c   52.606
_cell.angle_alpha   81.51
_cell.angle_beta   76.58
_cell.angle_gamma   77.87
#
_symmetry.space_group_name_H-M   'P 1'
#
loop_
_entity.id
_entity.type
_entity.pdbx_description
1 polymer 'shikimate kinase'
2 non-polymer 'SULFATE ION'
3 water water
#
_entity_poly.entity_id   1
_entity_poly.type   'polypeptide(L)'
_entity_poly.pdbx_seq_one_letter_code
;(MSE)SLAKNIVFIGF(MSE)GSGKSTLARALAKDLDLVFLDSDFLIEQKFNQKVSEIFEQKRENFFREQEQK(MSE)AD
FFSSCEKACIATGGGFVNVSNLEKAGFCIYLKADFEYLKKRLDKDEISKRPLFYDEIKAKKLYNERLSKYEQKANFILNI
ENKNIDELLSEIKKVIKEGGSHHHHHH
;
_entity_poly.pdbx_strand_id   A,B
#
# COMPACT_ATOMS: atom_id res chain seq x y z
N LYS A 5 0.67 -2.87 -16.09
CA LYS A 5 -0.02 -1.69 -16.62
C LYS A 5 -0.62 -0.88 -15.47
N ASN A 6 0.11 0.13 -15.02
CA ASN A 6 -0.36 0.97 -13.92
C ASN A 6 -0.44 2.43 -14.41
N ILE A 7 -1.11 3.25 -13.65
CA ILE A 7 -1.14 4.71 -13.98
C ILE A 7 -0.36 5.39 -12.84
N VAL A 8 0.72 6.07 -13.14
CA VAL A 8 1.62 6.63 -12.11
C VAL A 8 1.55 8.15 -12.12
N PHE A 9 1.31 8.75 -10.97
CA PHE A 9 1.22 10.23 -10.90
C PHE A 9 2.50 10.79 -10.29
N ILE A 10 3.10 11.76 -11.01
CA ILE A 10 4.35 12.34 -10.55
C ILE A 10 4.17 13.89 -10.49
N GLY A 11 5.09 14.55 -9.82
CA GLY A 11 4.95 16.02 -9.67
C GLY A 11 5.43 16.43 -8.29
N PHE A 12 5.40 17.74 -8.04
CA PHE A 12 5.98 18.32 -6.83
C PHE A 12 4.96 18.28 -5.70
N GLY A 14 2.18 19.42 -3.27
CA GLY A 14 1.05 20.31 -3.45
C GLY A 14 0.28 20.04 -4.71
N SER A 15 0.73 19.11 -5.57
CA SER A 15 0.09 18.84 -6.83
C SER A 15 -1.10 17.91 -6.80
N GLY A 16 -1.42 17.37 -5.62
CA GLY A 16 -2.59 16.56 -5.40
C GLY A 16 -2.54 15.17 -6.02
N LYS A 17 -1.34 14.58 -6.01
CA LYS A 17 -1.17 13.26 -6.62
C LYS A 17 -1.94 12.18 -5.90
N SER A 18 -1.89 12.13 -4.59
CA SER A 18 -2.60 11.11 -3.80
C SER A 18 -4.10 11.23 -3.98
N THR A 19 -4.60 12.48 -3.88
CA THR A 19 -6.04 12.70 -4.04
C THR A 19 -6.54 12.25 -5.39
N LEU A 20 -5.81 12.59 -6.45
CA LEU A 20 -6.22 12.22 -7.81
C LEU A 20 -6.05 10.75 -8.06
N ALA A 21 -4.95 10.15 -7.62
CA ALA A 21 -4.77 8.71 -7.82
C ALA A 21 -5.84 7.90 -7.09
N ARG A 22 -6.23 8.33 -5.90
CA ARG A 22 -7.24 7.64 -5.11
C ARG A 22 -8.59 7.77 -5.81
N ALA A 23 -8.86 9.00 -6.33
CA ALA A 23 -10.15 9.14 -7.04
C ALA A 23 -10.22 8.29 -8.28
N LEU A 24 -9.17 8.20 -9.08
CA LEU A 24 -9.14 7.42 -10.29
C LEU A 24 -9.22 5.91 -9.96
N ALA A 25 -8.53 5.53 -8.89
CA ALA A 25 -8.62 4.13 -8.45
C ALA A 25 -10.04 3.74 -8.05
N LYS A 26 -10.72 4.61 -7.28
CA LYS A 26 -12.08 4.31 -6.88
C LYS A 26 -13.01 4.30 -8.08
N ASP A 27 -12.80 5.27 -8.98
CA ASP A 27 -13.62 5.38 -10.18
C ASP A 27 -13.46 4.18 -11.10
N LEU A 28 -12.24 3.74 -11.36
CA LEU A 28 -11.97 2.63 -12.25
C LEU A 28 -11.94 1.29 -11.55
N ASP A 29 -12.09 1.29 -10.25
CA ASP A 29 -12.06 0.09 -9.42
C ASP A 29 -10.73 -0.62 -9.49
N LEU A 30 -9.67 0.13 -9.27
CA LEU A 30 -8.30 -0.36 -9.29
C LEU A 30 -7.69 -0.19 -7.90
N VAL A 31 -6.47 -0.73 -7.75
CA VAL A 31 -5.78 -0.61 -6.45
C VAL A 31 -5.10 0.74 -6.38
N PHE A 32 -5.22 1.42 -5.23
CA PHE A 32 -4.57 2.68 -5.00
C PHE A 32 -3.29 2.47 -4.15
N LEU A 33 -2.15 2.82 -4.74
CA LEU A 33 -0.88 2.75 -4.03
C LEU A 33 -0.27 4.13 -3.89
N ASP A 34 0.34 4.39 -2.74
CA ASP A 34 1.07 5.66 -2.54
C ASP A 34 2.45 5.28 -2.01
N SER A 35 3.49 5.58 -2.76
CA SER A 35 4.87 5.22 -2.37
C SER A 35 5.19 5.70 -0.99
N ASP A 36 4.77 6.93 -0.64
CA ASP A 36 5.09 7.45 0.68
C ASP A 36 4.36 6.67 1.76
N PHE A 37 3.06 6.40 1.55
CA PHE A 37 2.31 5.61 2.52
C PHE A 37 2.90 4.22 2.67
N LEU A 38 3.35 3.59 1.58
CA LEU A 38 3.89 2.23 1.71
C LEU A 38 5.19 2.25 2.53
N ILE A 39 5.98 3.33 2.33
CA ILE A 39 7.21 3.45 3.14
C ILE A 39 6.87 3.68 4.60
N GLU A 40 5.90 4.56 4.88
CA GLU A 40 5.47 4.81 6.26
C GLU A 40 4.97 3.55 6.94
N GLN A 41 4.16 2.74 6.25
CA GLN A 41 3.64 1.49 6.77
C GLN A 41 4.76 0.50 7.09
N LYS A 42 5.73 0.40 6.21
CA LYS A 42 6.86 -0.52 6.36
C LYS A 42 7.68 -0.24 7.60
N PHE A 43 7.93 1.05 7.87
CA PHE A 43 8.74 1.42 9.03
C PHE A 43 7.96 1.83 10.23
N ASN A 44 6.64 1.95 10.16
CA ASN A 44 5.80 2.38 11.27
C ASN A 44 6.23 3.77 11.73
N GLN A 45 6.57 4.63 10.78
CA GLN A 45 7.03 5.97 11.03
C GLN A 45 6.55 6.92 9.92
N LYS A 46 6.36 8.18 10.29
CA LYS A 46 6.02 9.19 9.29
C LYS A 46 7.23 9.49 8.43
N VAL A 47 7.00 9.89 7.18
CA VAL A 47 8.07 10.27 6.27
C VAL A 47 8.99 11.30 6.92
N SER A 48 8.44 12.30 7.58
CA SER A 48 9.27 13.31 8.23
C SER A 48 10.23 12.69 9.25
N GLU A 49 9.75 11.73 10.02
CA GLU A 49 10.56 11.04 11.00
C GLU A 49 11.67 10.23 10.34
N ILE A 50 11.36 9.55 9.23
CA ILE A 50 12.37 8.75 8.53
C ILE A 50 13.52 9.62 8.04
N PHE A 51 13.18 10.78 7.51
CA PHE A 51 14.15 11.73 6.99
C PHE A 51 14.98 12.33 8.13
N GLU A 52 14.33 12.64 9.23
CA GLU A 52 14.96 13.23 10.40
C GLU A 52 15.93 12.29 11.08
N GLN A 53 15.74 10.97 10.91
CA GLN A 53 16.59 10.00 11.54
C GLN A 53 17.59 9.31 10.63
N LYS A 54 17.12 8.71 9.55
CA LYS A 54 17.99 7.97 8.64
C LYS A 54 18.56 8.81 7.54
N ARG A 55 17.97 9.98 7.29
CA ARG A 55 18.41 10.91 6.28
C ARG A 55 18.06 10.53 4.85
N GLU A 56 18.37 11.46 3.96
CA GLU A 56 18.09 11.43 2.57
C GLU A 56 18.30 10.14 1.83
N ASN A 57 19.56 9.68 1.72
CA ASN A 57 19.88 8.50 0.95
C ASN A 57 19.04 7.27 1.31
N PHE A 58 18.83 7.05 2.60
CA PHE A 58 18.03 5.89 3.04
C PHE A 58 16.62 5.95 2.42
N PHE A 59 16.02 7.15 2.54
CA PHE A 59 14.68 7.31 1.96
C PHE A 59 14.67 7.07 0.47
N ARG A 60 15.65 7.62 -0.27
CA ARG A 60 15.72 7.43 -1.71
C ARG A 60 15.92 5.96 -2.09
N GLU A 61 16.67 5.23 -1.27
CA GLU A 61 16.84 3.80 -1.50
C GLU A 61 15.50 3.07 -1.36
N GLN A 62 14.70 3.51 -0.40
CA GLN A 62 13.39 2.90 -0.20
C GLN A 62 12.44 3.25 -1.32
N GLU A 63 12.54 4.50 -1.84
CA GLU A 63 11.76 4.85 -3.02
C GLU A 63 12.12 3.97 -4.20
N GLN A 64 13.43 3.64 -4.33
CA GLN A 64 13.83 2.76 -5.44
C GLN A 64 13.27 1.36 -5.26
N LYS A 65 13.17 0.89 -4.01
CA LYS A 65 12.55 -0.40 -3.71
C LYS A 65 11.08 -0.38 -4.14
N ALA A 67 9.81 1.65 -6.49
CA ALA A 67 9.83 1.70 -7.95
C ALA A 67 10.04 0.30 -8.52
N ASP A 68 10.97 -0.47 -7.96
CA ASP A 68 11.13 -1.87 -8.43
C ASP A 68 9.83 -2.64 -8.27
N PHE A 69 9.16 -2.47 -7.11
CA PHE A 69 7.89 -3.11 -6.89
C PHE A 69 6.83 -2.73 -7.89
N PHE A 70 6.72 -1.40 -8.20
CA PHE A 70 5.76 -0.95 -9.18
C PHE A 70 6.05 -1.43 -10.60
N SER A 71 7.27 -1.72 -10.90
CA SER A 71 7.69 -2.18 -12.23
C SER A 71 7.12 -3.54 -12.58
N SER A 72 6.67 -4.32 -11.62
CA SER A 72 6.11 -5.64 -11.94
C SER A 72 4.68 -5.83 -11.52
N CYS A 73 4.11 -4.95 -10.69
CA CYS A 73 2.70 -5.12 -10.31
C CYS A 73 1.78 -4.57 -11.40
N GLU A 74 0.49 -4.84 -11.29
CA GLU A 74 -0.43 -4.37 -12.33
C GLU A 74 -1.78 -3.95 -11.82
N LYS A 75 -2.47 -3.15 -12.64
CA LYS A 75 -3.80 -2.68 -12.36
C LYS A 75 -3.88 -1.78 -11.15
N ALA A 76 -2.88 -0.91 -11.00
CA ALA A 76 -2.85 0.03 -9.88
C ALA A 76 -2.78 1.48 -10.36
N CYS A 77 -3.23 2.36 -9.48
CA CYS A 77 -3.14 3.82 -9.67
C CYS A 77 -2.21 4.30 -8.53
N ILE A 78 -1.07 4.81 -8.90
CA ILE A 78 0.02 5.06 -7.98
C ILE A 78 0.38 6.52 -7.79
N ALA A 79 0.43 6.97 -6.53
CA ALA A 79 0.87 8.33 -6.24
C ALA A 79 2.32 8.25 -5.68
N THR A 80 3.14 9.21 -6.07
CA THR A 80 4.55 9.18 -5.70
C THR A 80 5.00 10.49 -5.05
N GLY A 81 6.08 10.44 -4.26
CA GLY A 81 6.56 11.66 -3.58
C GLY A 81 7.27 12.56 -4.59
N GLY A 82 7.46 13.83 -4.15
CA GLY A 82 8.09 14.78 -5.04
C GLY A 82 9.43 14.37 -5.62
N GLY A 83 10.24 13.68 -4.82
CA GLY A 83 11.56 13.25 -5.26
C GLY A 83 11.58 11.87 -5.87
N PHE A 84 10.43 11.25 -6.06
CA PHE A 84 10.38 9.89 -6.65
C PHE A 84 10.81 9.88 -8.08
N VAL A 85 10.68 11.03 -8.76
CA VAL A 85 11.05 11.16 -10.15
C VAL A 85 12.50 10.78 -10.40
N ASN A 86 13.36 10.80 -9.40
CA ASN A 86 14.75 10.47 -9.44
C ASN A 86 15.06 8.98 -9.42
N VAL A 87 14.07 8.09 -9.25
CA VAL A 87 14.34 6.65 -9.29
C VAL A 87 14.84 6.27 -10.69
N SER A 88 15.55 5.15 -10.78
CA SER A 88 16.17 4.73 -12.00
C SER A 88 15.32 4.16 -13.10
N ASN A 89 14.18 3.56 -12.86
CA ASN A 89 13.45 2.94 -13.99
C ASN A 89 11.97 3.28 -13.87
N LEU A 90 11.73 4.60 -13.73
CA LEU A 90 10.35 5.04 -13.56
C LEU A 90 9.43 4.64 -14.69
N GLU A 91 9.95 4.64 -15.94
CA GLU A 91 9.12 4.25 -17.07
C GLU A 91 8.56 2.85 -16.99
N LYS A 92 9.21 1.94 -16.26
CA LYS A 92 8.72 0.60 -16.09
C LYS A 92 7.56 0.50 -15.11
N ALA A 93 7.33 1.54 -14.32
CA ALA A 93 6.27 1.55 -13.32
C ALA A 93 4.90 1.72 -13.92
N GLY A 94 4.82 2.29 -15.14
CA GLY A 94 3.53 2.44 -15.81
C GLY A 94 3.44 3.78 -16.57
N PHE A 95 2.25 4.05 -17.01
CA PHE A 95 1.94 5.29 -17.76
C PHE A 95 1.99 6.46 -16.76
N CYS A 96 2.98 7.32 -16.99
CA CYS A 96 3.25 8.41 -16.06
C CYS A 96 2.57 9.72 -16.41
N ILE A 97 1.79 10.21 -15.45
CA ILE A 97 1.08 11.49 -15.61
C ILE A 97 1.70 12.51 -14.67
N TYR A 98 2.22 13.60 -15.28
CA TYR A 98 2.83 14.68 -14.52
C TYR A 98 1.78 15.75 -14.18
N LEU A 99 1.46 15.88 -12.89
CA LEU A 99 0.50 16.92 -12.46
C LEU A 99 1.28 18.20 -12.28
N LYS A 100 1.05 19.15 -13.21
CA LYS A 100 1.90 20.31 -13.36
C LYS A 100 1.23 21.63 -12.95
N ALA A 101 1.99 22.41 -12.21
CA ALA A 101 1.54 23.78 -11.86
C ALA A 101 2.76 24.62 -11.53
N ASP A 102 2.57 25.94 -11.55
CA ASP A 102 3.67 26.82 -11.18
C ASP A 102 3.87 26.81 -9.67
N PHE A 103 5.09 27.14 -9.25
CA PHE A 103 5.49 27.15 -7.86
C PHE A 103 4.62 28.01 -6.97
N GLU A 104 4.23 29.18 -7.45
CA GLU A 104 3.35 30.02 -6.62
C GLU A 104 2.00 29.44 -6.36
N TYR A 105 1.49 28.65 -7.32
CA TYR A 105 0.22 27.98 -7.17
C TYR A 105 0.31 26.81 -6.18
N LEU A 106 1.40 26.04 -6.31
CA LEU A 106 1.58 24.87 -5.44
C LEU A 106 1.91 25.22 -4.00
N LYS A 107 2.64 26.30 -3.78
CA LYS A 107 3.13 26.60 -2.43
C LYS A 107 2.05 27.04 -1.47
N LYS A 108 0.90 27.44 -2.01
CA LYS A 108 -0.14 27.93 -1.07
C LYS A 108 -1.10 26.86 -0.66
N ARG A 109 -0.84 25.61 -1.01
CA ARG A 109 -1.77 24.55 -0.63
C ARG A 109 -1.01 23.29 -0.26
N LEU A 110 -1.74 22.44 0.46
CA LEU A 110 -1.21 21.12 0.79
C LEU A 110 -2.37 20.12 0.81
N ASP A 111 -2.02 18.88 0.51
CA ASP A 111 -3.02 17.80 0.53
C ASP A 111 -2.95 17.14 1.89
N LYS A 112 -4.06 16.63 2.42
CA LYS A 112 -4.08 16.00 3.73
C LYS A 112 -3.02 14.92 3.87
N ASP A 113 -2.74 14.17 2.81
CA ASP A 113 -1.73 13.11 2.87
C ASP A 113 -0.32 13.63 3.01
N GLU A 114 -0.08 14.94 2.83
CA GLU A 114 1.25 15.52 2.90
C GLU A 114 1.62 16.06 4.26
N ILE A 115 0.66 16.09 5.19
CA ILE A 115 0.92 16.59 6.53
C ILE A 115 2.07 15.87 7.21
N SER A 116 2.19 14.56 7.03
CA SER A 116 3.23 13.77 7.67
C SER A 116 4.59 13.78 7.00
N LYS A 117 4.76 14.51 5.92
CA LYS A 117 6.03 14.50 5.18
C LYS A 117 6.99 15.58 5.54
N ARG A 118 6.53 16.78 5.89
CA ARG A 118 7.42 17.87 6.27
C ARG A 118 6.64 18.90 7.08
N PRO A 119 7.31 19.96 7.52
CA PRO A 119 6.65 21.00 8.28
C PRO A 119 5.56 21.66 7.46
N LEU A 120 4.53 22.18 8.15
CA LEU A 120 3.44 22.86 7.46
C LEU A 120 3.98 24.04 6.66
N PHE A 121 4.81 24.87 7.28
CA PHE A 121 5.39 26.04 6.62
C PHE A 121 6.85 25.79 6.26
N TYR A 122 7.07 24.98 5.24
CA TYR A 122 8.43 24.64 4.81
C TYR A 122 9.15 25.85 4.26
N ASP A 123 10.47 25.77 4.12
CA ASP A 123 11.25 26.91 3.59
C ASP A 123 10.94 27.11 2.12
N GLU A 124 10.40 28.27 1.76
CA GLU A 124 9.99 28.57 0.41
C GLU A 124 11.14 28.75 -0.57
N ILE A 125 12.24 29.31 -0.08
CA ILE A 125 13.43 29.54 -0.90
C ILE A 125 14.02 28.21 -1.34
N LYS A 126 14.21 27.33 -0.36
CA LYS A 126 14.72 26.00 -0.60
C LYS A 126 13.78 25.18 -1.47
N ALA A 127 12.49 25.29 -1.21
CA ALA A 127 11.50 24.56 -2.00
C ALA A 127 11.51 25.02 -3.45
N LYS A 128 11.63 26.33 -3.70
CA LYS A 128 11.63 26.79 -5.10
C LYS A 128 12.84 26.27 -5.85
N LYS A 129 13.98 26.23 -5.13
CA LYS A 129 15.20 25.74 -5.74
C LYS A 129 15.05 24.27 -6.14
N LEU A 130 14.43 23.49 -5.26
CA LEU A 130 14.18 22.08 -5.49
C LEU A 130 13.20 21.90 -6.64
N TYR A 131 12.16 22.75 -6.60
CA TYR A 131 11.18 22.73 -7.70
C TYR A 131 11.86 22.96 -9.04
N ASN A 132 12.69 24.00 -9.14
CA ASN A 132 13.35 24.28 -10.42
C ASN A 132 14.26 23.16 -10.85
N GLU A 133 14.91 22.50 -9.90
CA GLU A 133 15.79 21.38 -10.28
C GLU A 133 15.03 20.18 -10.83
N ARG A 134 13.81 19.95 -10.36
CA ARG A 134 13.03 18.80 -10.76
C ARG A 134 12.18 18.96 -11.99
N LEU A 135 11.92 20.19 -12.48
CA LEU A 135 10.99 20.28 -13.62
C LEU A 135 11.40 19.45 -14.82
N SER A 136 12.68 19.48 -15.20
CA SER A 136 13.13 18.75 -16.39
C SER A 136 12.89 17.26 -16.29
N LYS A 137 13.03 16.70 -15.09
CA LYS A 137 12.77 15.29 -14.85
C LYS A 137 11.30 14.96 -14.94
N TYR A 138 10.46 15.81 -14.29
CA TYR A 138 9.02 15.54 -14.41
C TYR A 138 8.60 15.56 -15.88
N GLU A 139 9.04 16.61 -16.60
CA GLU A 139 8.70 16.76 -18.00
C GLU A 139 9.20 15.62 -18.88
N GLN A 140 10.43 15.22 -18.70
CA GLN A 140 11.02 14.15 -19.52
C GLN A 140 10.46 12.76 -19.24
N LYS A 141 10.07 12.47 -18.01
CA LYS A 141 9.57 11.11 -17.70
C LYS A 141 8.07 10.98 -17.87
N ALA A 142 7.35 12.09 -18.08
CA ALA A 142 5.92 12.03 -18.25
C ALA A 142 5.47 11.44 -19.58
N ASN A 143 4.40 10.68 -19.57
CA ASN A 143 3.76 10.18 -20.79
C ASN A 143 2.62 11.13 -21.13
N PHE A 144 2.14 11.82 -20.08
CA PHE A 144 1.07 12.81 -20.28
C PHE A 144 1.26 13.93 -19.27
N ILE A 145 1.30 15.18 -19.78
CA ILE A 145 1.47 16.32 -18.87
C ILE A 145 0.12 17.00 -18.68
N LEU A 146 -0.31 17.12 -17.43
CA LEU A 146 -1.63 17.67 -17.09
C LEU A 146 -1.49 18.87 -16.19
N ASN A 147 -1.69 20.08 -16.77
CA ASN A 147 -1.68 21.28 -15.92
C ASN A 147 -2.92 21.25 -15.03
N ILE A 148 -2.76 21.31 -13.72
CA ILE A 148 -3.87 21.17 -12.80
C ILE A 148 -4.45 22.49 -12.32
N GLU A 149 -3.90 23.62 -12.75
CA GLU A 149 -4.38 24.88 -12.18
C GLU A 149 -5.83 25.20 -12.48
N ASN A 150 -6.56 25.56 -11.42
CA ASN A 150 -7.97 25.93 -11.48
C ASN A 150 -8.85 24.85 -12.07
N LYS A 151 -8.53 23.59 -11.84
CA LYS A 151 -9.35 22.48 -12.28
C LYS A 151 -9.77 21.65 -11.06
N ASN A 152 -11.05 21.30 -11.01
CA ASN A 152 -11.53 20.45 -9.91
C ASN A 152 -11.23 18.99 -10.22
N ILE A 153 -11.43 18.13 -9.21
CA ILE A 153 -11.15 16.71 -9.37
C ILE A 153 -11.91 16.08 -10.49
N ASP A 154 -13.19 16.49 -10.67
CA ASP A 154 -13.98 15.92 -11.76
C ASP A 154 -13.39 16.25 -13.11
N GLU A 155 -12.93 17.49 -13.28
CA GLU A 155 -12.33 17.93 -14.52
C GLU A 155 -11.05 17.16 -14.82
N LEU A 156 -10.23 16.98 -13.77
CA LEU A 156 -8.99 16.24 -13.91
C LEU A 156 -9.24 14.78 -14.27
N LEU A 157 -10.21 14.16 -13.61
CA LEU A 157 -10.53 12.77 -13.92
C LEU A 157 -11.00 12.59 -15.35
N SER A 158 -11.81 13.55 -15.82
CA SER A 158 -12.31 13.53 -17.19
C SER A 158 -11.19 13.60 -18.21
N GLU A 159 -10.21 14.48 -17.97
CA GLU A 159 -9.10 14.61 -18.90
C GLU A 159 -8.26 13.33 -18.96
N ILE A 160 -8.02 12.76 -17.76
CA ILE A 160 -7.21 11.55 -17.66
C ILE A 160 -7.92 10.37 -18.33
N LYS A 161 -9.21 10.23 -18.03
CA LYS A 161 -9.98 9.13 -18.61
C LYS A 161 -9.94 9.18 -20.14
N LYS A 162 -10.10 10.39 -20.66
CA LYS A 162 -10.03 10.65 -22.09
C LYS A 162 -8.69 10.24 -22.66
N VAL A 163 -7.60 10.57 -21.95
CA VAL A 163 -6.27 10.18 -22.40
C VAL A 163 -6.07 8.68 -22.34
N ILE A 164 -6.67 8.03 -21.34
CA ILE A 164 -6.54 6.58 -21.19
C ILE A 164 -7.14 5.80 -22.34
N LYS A 165 -8.30 6.19 -22.85
CA LYS A 165 -8.90 5.46 -23.97
C LYS A 165 -7.94 5.40 -25.16
N SER B 2 0.31 -21.21 -10.31
CA SER B 2 1.56 -20.99 -9.59
C SER B 2 1.34 -19.92 -8.50
N LEU B 3 2.30 -19.77 -7.64
CA LEU B 3 2.22 -18.80 -6.56
C LEU B 3 3.05 -17.57 -6.93
N ALA B 4 2.54 -16.38 -6.58
CA ALA B 4 3.38 -15.20 -6.79
C ALA B 4 4.49 -15.29 -5.74
N LYS B 5 5.66 -14.71 -5.98
CA LYS B 5 6.76 -14.77 -5.04
C LYS B 5 6.60 -13.74 -3.92
N ASN B 6 5.59 -13.98 -3.06
CA ASN B 6 5.28 -13.13 -1.91
C ASN B 6 5.08 -14.02 -0.68
N ILE B 7 5.11 -13.41 0.50
CA ILE B 7 4.70 -14.17 1.71
C ILE B 7 3.34 -13.58 2.14
N VAL B 8 2.35 -14.42 2.36
CA VAL B 8 1.01 -13.94 2.68
C VAL B 8 0.57 -14.51 4.02
N PHE B 9 0.26 -13.62 4.96
CA PHE B 9 -0.18 -14.08 6.28
C PHE B 9 -1.70 -14.13 6.36
N ILE B 10 -2.16 -15.29 6.80
CA ILE B 10 -3.61 -15.53 6.91
C ILE B 10 -3.92 -15.99 8.32
N GLY B 11 -5.16 -15.82 8.73
CA GLY B 11 -5.55 -16.24 10.09
C GLY B 11 -6.68 -15.35 10.58
N PHE B 12 -7.15 -15.66 11.78
CA PHE B 12 -8.27 -14.91 12.38
C PHE B 12 -7.81 -13.57 12.91
N GLY B 14 -6.76 -10.82 15.36
CA GLY B 14 -6.03 -10.94 16.60
C GLY B 14 -4.82 -11.84 16.51
N SER B 15 -4.56 -12.46 15.36
CA SER B 15 -3.42 -13.37 15.25
C SER B 15 -2.10 -12.66 14.97
N GLY B 16 -2.13 -11.33 14.85
CA GLY B 16 -0.88 -10.57 14.69
C GLY B 16 -0.34 -10.56 13.28
N LYS B 17 -1.22 -10.69 12.27
CA LYS B 17 -0.74 -10.72 10.89
C LYS B 17 -0.09 -9.43 10.46
N SER B 18 -0.70 -8.29 10.76
CA SER B 18 -0.14 -7.00 10.32
C SER B 18 1.22 -6.77 10.98
N THR B 19 1.26 -7.03 12.28
CA THR B 19 2.53 -6.85 13.02
C THR B 19 3.64 -7.71 12.44
N LEU B 20 3.34 -9.00 12.24
CA LEU B 20 4.41 -9.92 11.78
C LEU B 20 4.80 -9.66 10.35
N ALA B 21 3.80 -9.35 9.49
CA ALA B 21 4.12 -9.05 8.09
C ALA B 21 5.01 -7.82 8.03
N ARG B 22 4.70 -6.79 8.83
CA ARG B 22 5.48 -5.57 8.81
C ARG B 22 6.91 -5.86 9.32
N ALA B 23 6.99 -6.62 10.40
CA ALA B 23 8.35 -6.91 10.93
C ALA B 23 9.16 -7.68 9.92
N LEU B 24 8.57 -8.66 9.23
CA LEU B 24 9.31 -9.44 8.26
C LEU B 24 9.72 -8.62 7.06
N ALA B 25 8.79 -7.72 6.63
CA ALA B 25 9.13 -6.83 5.51
C ALA B 25 10.35 -5.97 5.88
N LYS B 26 10.33 -5.37 7.06
CA LYS B 26 11.47 -4.54 7.48
C LYS B 26 12.73 -5.40 7.59
N ASP B 27 12.60 -6.57 8.18
CA ASP B 27 13.76 -7.45 8.37
C ASP B 27 14.40 -7.87 7.06
N LEU B 28 13.58 -8.21 6.05
CA LEU B 28 14.12 -8.69 4.79
C LEU B 28 14.20 -7.59 3.74
N ASP B 29 13.79 -6.38 4.10
CA ASP B 29 13.76 -5.23 3.20
C ASP B 29 12.87 -5.48 1.98
N LEU B 30 11.66 -5.95 2.25
CA LEU B 30 10.63 -6.24 1.28
C LEU B 30 9.48 -5.23 1.42
N VAL B 31 8.56 -5.22 0.46
CA VAL B 31 7.42 -4.26 0.59
C VAL B 31 6.38 -4.86 1.53
N PHE B 32 5.79 -4.04 2.39
CA PHE B 32 4.74 -4.48 3.30
C PHE B 32 3.36 -4.03 2.76
N LEU B 33 2.50 -4.99 2.45
CA LEU B 33 1.14 -4.69 2.02
C LEU B 33 0.16 -5.23 3.05
N ASP B 34 -0.93 -4.53 3.28
CA ASP B 34 -1.97 -4.96 4.23
C ASP B 34 -3.31 -4.78 3.47
N SER B 35 -4.03 -5.84 3.20
CA SER B 35 -5.26 -5.75 2.41
C SER B 35 -6.26 -4.78 3.03
N ASP B 36 -6.43 -4.87 4.35
CA ASP B 36 -7.35 -3.90 5.00
C ASP B 36 -6.90 -2.47 4.78
N PHE B 37 -5.62 -2.19 5.04
CA PHE B 37 -5.14 -0.81 4.84
C PHE B 37 -5.28 -0.36 3.42
N LEU B 38 -5.05 -1.18 2.41
CA LEU B 38 -5.17 -0.80 1.02
C LEU B 38 -6.64 -0.51 0.65
N ILE B 39 -7.52 -1.32 1.24
CA ILE B 39 -8.96 -1.06 0.94
C ILE B 39 -9.34 0.26 1.60
N GLU B 40 -8.91 0.48 2.85
CA GLU B 40 -9.17 1.72 3.56
C GLU B 40 -8.65 2.93 2.78
N GLN B 41 -7.42 2.84 2.26
CA GLN B 41 -6.87 3.97 1.50
C GLN B 41 -7.66 4.24 0.25
N LYS B 42 -8.07 3.21 -0.49
CA LYS B 42 -8.82 3.40 -1.72
C LYS B 42 -10.15 4.10 -1.51
N PHE B 43 -10.82 3.78 -0.40
CA PHE B 43 -12.12 4.40 -0.14
C PHE B 43 -12.09 5.54 0.83
N ASN B 44 -10.94 5.84 1.44
CA ASN B 44 -10.86 6.91 2.44
C ASN B 44 -11.86 6.69 3.55
N GLN B 45 -11.97 5.47 4.05
CA GLN B 45 -12.88 5.07 5.11
C GLN B 45 -12.29 3.86 5.86
N LYS B 46 -12.66 3.73 7.12
CA LYS B 46 -12.18 2.58 7.90
C LYS B 46 -12.95 1.33 7.47
N VAL B 47 -12.36 0.17 7.57
CA VAL B 47 -13.02 -1.10 7.23
C VAL B 47 -14.40 -1.22 7.87
N SER B 48 -14.55 -0.87 9.14
CA SER B 48 -15.85 -0.94 9.84
C SER B 48 -16.91 -0.12 9.13
N GLU B 49 -16.56 1.06 8.65
CA GLU B 49 -17.45 1.97 7.96
C GLU B 49 -17.81 1.41 6.59
N ILE B 50 -16.80 0.84 5.91
CA ILE B 50 -17.11 0.23 4.60
C ILE B 50 -18.09 -0.90 4.79
N PHE B 51 -17.89 -1.77 5.78
CA PHE B 51 -18.84 -2.85 6.05
C PHE B 51 -20.22 -2.31 6.39
N GLU B 52 -20.29 -1.30 7.26
CA GLU B 52 -21.58 -0.74 7.64
C GLU B 52 -22.36 -0.18 6.48
N GLN B 53 -21.71 0.59 5.60
CA GLN B 53 -22.38 1.26 4.51
C GLN B 53 -22.56 0.43 3.26
N LYS B 54 -21.52 -0.31 2.86
CA LYS B 54 -21.59 -1.09 1.63
C LYS B 54 -21.92 -2.54 1.80
N ARG B 55 -21.84 -3.06 3.01
CA ARG B 55 -22.16 -4.42 3.39
C ARG B 55 -21.09 -5.44 3.01
N GLU B 56 -21.25 -6.66 3.53
CA GLU B 56 -20.21 -7.68 3.36
C GLU B 56 -19.86 -8.05 1.98
N ASN B 57 -20.83 -8.27 1.08
CA ASN B 57 -20.47 -8.71 -0.26
C ASN B 57 -19.53 -7.74 -0.96
N PHE B 58 -19.79 -6.44 -0.82
CA PHE B 58 -18.97 -5.42 -1.47
C PHE B 58 -17.53 -5.53 -0.91
N PHE B 59 -17.45 -5.69 0.40
CA PHE B 59 -16.11 -5.79 1.01
C PHE B 59 -15.38 -7.01 0.49
N ARG B 60 -16.06 -8.16 0.43
CA ARG B 60 -15.40 -9.36 -0.11
C ARG B 60 -14.98 -9.17 -1.54
N GLU B 61 -15.75 -8.42 -2.35
CA GLU B 61 -15.37 -8.14 -3.73
C GLU B 61 -14.05 -7.35 -3.77
N GLN B 62 -13.94 -6.40 -2.85
CA GLN B 62 -12.71 -5.62 -2.74
C GLN B 62 -11.54 -6.48 -2.29
N GLU B 63 -11.81 -7.44 -1.39
CA GLU B 63 -10.70 -8.35 -0.99
C GLU B 63 -10.27 -9.18 -2.19
N GLN B 64 -11.25 -9.53 -3.06
CA GLN B 64 -10.90 -10.32 -4.23
C GLN B 64 -10.02 -9.53 -5.19
N LYS B 65 -10.30 -8.22 -5.34
CA LYS B 65 -9.46 -7.38 -6.20
C LYS B 65 -8.04 -7.31 -5.60
N ALA B 67 -6.62 -9.71 -3.72
CA ALA B 67 -5.98 -11.02 -4.01
C ALA B 67 -5.46 -11.07 -5.43
N ASP B 68 -6.28 -10.59 -6.39
CA ASP B 68 -5.84 -10.55 -7.79
C ASP B 68 -4.57 -9.71 -7.93
N PHE B 69 -4.57 -8.52 -7.29
CA PHE B 69 -3.39 -7.67 -7.33
C PHE B 69 -2.18 -8.33 -6.71
N PHE B 70 -2.35 -9.09 -5.62
CA PHE B 70 -1.21 -9.73 -4.95
C PHE B 70 -0.63 -10.82 -5.86
N SER B 71 -1.49 -11.43 -6.65
CA SER B 71 -1.03 -12.48 -7.57
C SER B 71 -0.17 -11.92 -8.68
N SER B 72 -0.21 -10.63 -8.92
CA SER B 72 0.51 -9.95 -9.98
C SER B 72 1.82 -9.38 -9.50
N CYS B 73 2.03 -9.36 -8.17
CA CYS B 73 3.26 -8.69 -7.73
C CYS B 73 4.26 -9.65 -7.13
N GLU B 74 5.42 -9.11 -6.74
CA GLU B 74 6.45 -9.95 -6.15
C GLU B 74 7.23 -9.22 -5.07
N LYS B 75 7.88 -9.96 -4.20
CA LYS B 75 8.75 -9.50 -3.15
C LYS B 75 8.02 -8.61 -2.15
N ALA B 76 6.79 -9.06 -1.82
CA ALA B 76 6.01 -8.37 -0.79
C ALA B 76 5.71 -9.32 0.38
N CYS B 77 5.53 -8.74 1.54
CA CYS B 77 5.07 -9.43 2.77
C CYS B 77 3.66 -8.87 3.03
N ILE B 78 2.68 -9.74 2.99
CA ILE B 78 1.29 -9.32 2.94
C ILE B 78 0.47 -9.78 4.12
N ALA B 79 -0.23 -8.84 4.75
CA ALA B 79 -1.16 -9.18 5.84
C ALA B 79 -2.59 -9.11 5.25
N THR B 80 -3.43 -10.02 5.68
CA THR B 80 -4.80 -10.09 5.14
C THR B 80 -5.80 -10.10 6.30
N GLY B 81 -7.03 -9.65 6.01
CA GLY B 81 -8.08 -9.66 7.06
C GLY B 81 -8.54 -11.09 7.34
N GLY B 82 -9.31 -11.24 8.45
CA GLY B 82 -9.77 -12.55 8.85
C GLY B 82 -10.59 -13.29 7.81
N GLY B 83 -11.39 -12.56 7.06
CA GLY B 83 -12.25 -13.11 6.05
C GLY B 83 -11.63 -13.25 4.68
N PHE B 84 -10.33 -12.93 4.56
CA PHE B 84 -9.67 -12.95 3.25
C PHE B 84 -9.54 -14.34 2.69
N VAL B 85 -9.59 -15.36 3.60
CA VAL B 85 -9.55 -16.74 3.16
C VAL B 85 -10.72 -17.09 2.24
N ASN B 86 -11.77 -16.33 2.21
CA ASN B 86 -12.94 -16.53 1.36
C ASN B 86 -12.70 -16.12 -0.09
N VAL B 87 -11.56 -15.50 -0.44
CA VAL B 87 -11.33 -15.14 -1.84
C VAL B 87 -11.11 -16.41 -2.67
N SER B 88 -11.25 -16.28 -3.99
CA SER B 88 -10.95 -17.39 -4.88
C SER B 88 -9.45 -17.27 -5.25
N ASN B 89 -8.83 -18.40 -5.49
CA ASN B 89 -7.43 -18.42 -5.92
C ASN B 89 -6.50 -17.72 -4.94
N LEU B 90 -6.70 -17.91 -3.64
CA LEU B 90 -5.80 -17.34 -2.64
C LEU B 90 -4.38 -17.86 -2.85
N GLU B 91 -4.26 -19.14 -3.26
CA GLU B 91 -2.93 -19.70 -3.47
C GLU B 91 -2.08 -18.92 -4.43
N LYS B 92 -2.66 -18.25 -5.42
CA LYS B 92 -1.89 -17.49 -6.39
C LYS B 92 -1.25 -16.23 -5.81
N ALA B 93 -1.68 -15.81 -4.61
CA ALA B 93 -1.20 -14.58 -4.01
C ALA B 93 0.21 -14.72 -3.42
N GLY B 94 0.58 -15.97 -3.15
CA GLY B 94 1.91 -16.20 -2.59
C GLY B 94 1.97 -17.40 -1.64
N PHE B 95 3.14 -17.51 -1.00
CA PHE B 95 3.40 -18.55 0.00
C PHE B 95 2.61 -18.18 1.26
N CYS B 96 1.60 -18.99 1.55
CA CYS B 96 0.71 -18.67 2.66
C CYS B 96 1.11 -19.17 4.01
N ILE B 97 1.26 -18.27 4.97
CA ILE B 97 1.56 -18.62 6.36
C ILE B 97 0.33 -18.39 7.21
N TYR B 98 -0.18 -19.46 7.81
CA TYR B 98 -1.35 -19.39 8.70
C TYR B 98 -0.88 -19.19 10.14
N LEU B 99 -1.21 -18.04 10.70
CA LEU B 99 -0.85 -17.74 12.10
C LEU B 99 -1.97 -18.36 12.98
N LYS B 100 -1.64 -19.50 13.55
CA LYS B 100 -2.62 -20.29 14.30
C LYS B 100 -2.57 -20.13 15.79
N ALA B 101 -3.77 -19.99 16.38
CA ALA B 101 -3.93 -19.94 17.83
C ALA B 101 -5.38 -20.30 18.18
N ASP B 102 -5.59 -20.76 19.41
CA ASP B 102 -6.96 -21.02 19.86
C ASP B 102 -7.76 -19.73 19.93
N PHE B 103 -9.07 -19.85 19.71
CA PHE B 103 -9.95 -18.70 19.84
C PHE B 103 -9.84 -18.05 21.22
N GLU B 104 -9.69 -18.91 22.24
CA GLU B 104 -9.58 -18.46 23.63
C GLU B 104 -8.29 -17.70 23.87
N TYR B 105 -7.25 -17.96 23.08
CA TYR B 105 -5.99 -17.25 23.17
C TYR B 105 -6.11 -15.89 22.46
N LEU B 106 -6.73 -15.90 21.29
CA LEU B 106 -6.90 -14.68 20.50
C LEU B 106 -7.82 -13.67 21.17
N LYS B 107 -8.86 -14.14 21.85
CA LYS B 107 -9.83 -13.23 22.46
C LYS B 107 -9.24 -12.39 23.57
N LYS B 108 -8.17 -12.83 24.20
CA LYS B 108 -7.51 -12.08 25.25
C LYS B 108 -6.56 -11.03 24.69
N ARG B 109 -6.47 -10.92 23.37
CA ARG B 109 -5.63 -9.92 22.73
C ARG B 109 -6.49 -8.77 22.19
N LEU B 110 -7.48 -9.10 21.37
CA LEU B 110 -8.37 -8.11 20.80
C LEU B 110 -9.66 -8.75 20.30
N TYR B 122 -16.44 -8.19 20.74
CA TYR B 122 -17.84 -7.80 20.88
C TYR B 122 -18.68 -8.98 21.36
N ASP B 123 -19.18 -9.77 20.43
CA ASP B 123 -19.97 -10.95 20.76
C ASP B 123 -19.10 -12.20 20.62
N GLU B 124 -18.55 -12.65 21.74
CA GLU B 124 -17.69 -13.82 21.77
C GLU B 124 -18.35 -15.08 21.26
N ILE B 125 -19.66 -15.21 21.43
CA ILE B 125 -20.37 -16.39 20.95
C ILE B 125 -20.38 -16.43 19.43
N LYS B 126 -20.68 -15.29 18.81
CA LYS B 126 -20.71 -15.18 17.35
C LYS B 126 -19.29 -15.29 16.78
N ALA B 127 -18.35 -14.66 17.49
CA ALA B 127 -16.96 -14.69 17.04
C ALA B 127 -16.43 -16.10 17.00
N LYS B 128 -16.73 -16.90 18.03
CA LYS B 128 -16.24 -18.29 18.05
C LYS B 128 -16.86 -19.10 16.93
N LYS B 129 -18.14 -18.84 16.65
CA LYS B 129 -18.83 -19.53 15.56
C LYS B 129 -18.15 -19.23 14.23
N LEU B 130 -17.77 -17.97 14.01
CA LEU B 130 -17.08 -17.60 12.77
C LEU B 130 -15.69 -18.20 12.73
N TYR B 131 -15.04 -18.19 13.90
CA TYR B 131 -13.71 -18.81 14.01
C TYR B 131 -13.76 -20.27 13.62
N ASN B 132 -14.70 -21.01 14.20
CA ASN B 132 -14.86 -22.43 13.89
C ASN B 132 -15.10 -22.69 12.41
N GLU B 133 -15.89 -21.82 11.76
CA GLU B 133 -16.19 -21.99 10.35
C GLU B 133 -14.98 -21.72 9.47
N ARG B 134 -14.05 -20.88 9.90
CA ARG B 134 -12.92 -20.55 9.04
C ARG B 134 -11.71 -21.43 9.20
N LEU B 135 -11.59 -22.14 10.33
CA LEU B 135 -10.42 -22.94 10.58
C LEU B 135 -9.99 -23.83 9.43
N SER B 136 -10.93 -24.60 8.89
CA SER B 136 -10.61 -25.54 7.83
C SER B 136 -10.03 -24.84 6.61
N LYS B 137 -10.49 -23.64 6.33
CA LYS B 137 -9.98 -22.86 5.20
C LYS B 137 -8.53 -22.42 5.47
N TYR B 138 -8.28 -21.86 6.65
CA TYR B 138 -6.91 -21.45 6.98
C TYR B 138 -5.97 -22.65 6.85
N GLU B 139 -6.37 -23.78 7.44
CA GLU B 139 -5.52 -24.97 7.40
C GLU B 139 -5.30 -25.52 6.01
N GLN B 140 -6.33 -25.56 5.17
CA GLN B 140 -6.18 -26.10 3.82
C GLN B 140 -5.39 -25.22 2.88
N LYS B 141 -5.47 -23.91 3.05
CA LYS B 141 -4.78 -22.98 2.16
C LYS B 141 -3.40 -22.63 2.62
N ALA B 142 -2.97 -23.07 3.81
CA ALA B 142 -1.66 -22.76 4.33
C ALA B 142 -0.54 -23.57 3.68
N ASN B 143 0.54 -22.87 3.33
CA ASN B 143 1.74 -23.58 2.88
C ASN B 143 2.57 -23.93 4.11
N PHE B 144 2.38 -23.15 5.17
CA PHE B 144 3.08 -23.33 6.44
C PHE B 144 2.15 -22.88 7.57
N ILE B 145 1.94 -23.74 8.52
CA ILE B 145 1.11 -23.42 9.70
C ILE B 145 2.06 -23.08 10.86
N LEU B 146 1.97 -21.85 11.32
CA LEU B 146 2.81 -21.34 12.39
C LEU B 146 1.97 -21.13 13.65
N ASN B 147 2.21 -21.96 14.66
CA ASN B 147 1.46 -21.73 15.92
C ASN B 147 2.09 -20.54 16.61
N ILE B 148 1.32 -19.48 16.83
CA ILE B 148 1.87 -18.27 17.40
C ILE B 148 1.84 -18.20 18.91
N GLU B 149 1.18 -19.18 19.58
CA GLU B 149 1.02 -19.02 21.03
C GLU B 149 2.35 -19.06 21.76
N ASN B 150 2.47 -18.16 22.74
CA ASN B 150 3.64 -18.10 23.61
C ASN B 150 4.93 -17.83 22.86
N LYS B 151 4.86 -17.09 21.77
CA LYS B 151 6.07 -16.77 21.01
C LYS B 151 6.16 -15.26 20.78
N ASN B 152 7.35 -14.70 21.01
CA ASN B 152 7.51 -13.25 20.76
C ASN B 152 7.85 -13.05 19.29
N ILE B 153 7.87 -11.80 18.86
CA ILE B 153 8.13 -11.46 17.45
C ILE B 153 9.44 -11.99 16.93
N ASP B 154 10.51 -11.89 17.71
CA ASP B 154 11.81 -12.41 17.26
C ASP B 154 11.73 -13.90 17.01
N GLU B 155 11.03 -14.63 17.91
CA GLU B 155 10.91 -16.07 17.72
C GLU B 155 10.11 -16.41 16.48
N LEU B 156 9.01 -15.69 16.24
CA LEU B 156 8.21 -15.95 15.03
C LEU B 156 9.00 -15.65 13.78
N LEU B 157 9.72 -14.52 13.75
CA LEU B 157 10.55 -14.17 12.60
C LEU B 157 11.60 -15.25 12.32
N SER B 158 12.25 -15.72 13.38
CA SER B 158 13.26 -16.78 13.21
C SER B 158 12.67 -18.04 12.61
N GLU B 159 11.49 -18.43 13.12
CA GLU B 159 10.83 -19.62 12.62
C GLU B 159 10.45 -19.50 11.16
N ILE B 160 9.97 -18.31 10.76
CA ILE B 160 9.61 -18.13 9.34
C ILE B 160 10.84 -18.13 8.47
N LYS B 161 11.90 -17.44 8.88
CA LYS B 161 13.12 -17.38 8.09
C LYS B 161 13.77 -18.74 7.89
N LYS B 162 13.60 -19.63 8.86
CA LYS B 162 14.09 -21.00 8.69
C LYS B 162 13.28 -21.71 7.62
N VAL B 163 11.96 -21.53 7.64
CA VAL B 163 11.08 -22.16 6.67
C VAL B 163 11.37 -21.70 5.24
N ILE B 164 11.51 -20.38 5.04
CA ILE B 164 11.74 -19.88 3.69
C ILE B 164 13.20 -19.89 3.30
N LYS B 165 14.04 -20.34 4.23
CA LYS B 165 15.46 -20.46 4.06
C LYS B 165 16.17 -19.13 3.85
N GLU B 166 15.97 -18.21 4.78
CA GLU B 166 16.64 -16.92 4.74
C GLU B 166 17.77 -16.95 5.80
#